data_8T7Y
#
_entry.id   8T7Y
#
_cell.length_a   48.184
_cell.length_b   105.231
_cell.length_c   54.473
_cell.angle_alpha   90.00
_cell.angle_beta   101.59
_cell.angle_gamma   90.00
#
_symmetry.space_group_name_H-M   'P 1 21 1'
#
loop_
_entity.id
_entity.type
_entity.pdbx_description
1 polymer '3C-like proteinase nsp5'
2 polymer 'Chymostatin A (bound form)'
3 water water
#
loop_
_entity_poly.entity_id
_entity_poly.type
_entity_poly.pdbx_seq_one_letter_code
_entity_poly.pdbx_strand_id
1 'polypeptide(L)'
;SGFRKMAFPSGKVEGCMVQVTCGTTTLNGLWLDDVVYCPRHVICTSEDMLNPNYEDLLIRKSNHNFLVQAGNVQLRVIGH
SMQNCVLKLKVDTANPKTPKYKFVRIQPGQTFSVLACYNGSPSGVYQCAMRPNFTIKGSFLNGSCGSVGFNIDYDCVSFC
YMHHMELPTGVHAGTDLEGNFYGPFVDRQTAQAAGTDTTITVNVLAWLYAAVINGDRWFLNRFTTTLNDFNLVAMKYNYE
PLTQDHVDILGPLSAQTGIAVLDMCASLKELLQNGMNGRTILGSALLEDEFTPFDVVRQCSGVTFQ
;
A,B
2 'polypeptide(L)' F(CSI)L(PHL) C,E
#
# COMPACT_ATOMS: atom_id res chain seq x y z
N SER A 1 0.21 17.70 2.04
CA SER A 1 1.44 17.10 2.58
C SER A 1 1.22 15.70 3.16
N GLY A 2 2.26 15.16 3.77
CA GLY A 2 2.29 13.77 4.20
C GLY A 2 3.02 12.92 3.15
N PHE A 3 3.52 11.79 3.59
CA PHE A 3 4.33 10.95 2.71
C PHE A 3 4.20 9.54 3.20
N ARG A 4 3.71 8.68 2.32
CA ARG A 4 3.33 7.30 2.63
C ARG A 4 3.92 6.32 1.65
N LYS A 5 4.09 5.06 2.06
CA LYS A 5 4.43 4.02 1.13
C LYS A 5 3.20 3.74 0.28
N MET A 6 3.25 4.09 -0.98
CA MET A 6 2.05 4.13 -1.81
C MET A 6 2.21 3.17 -3.00
N ALA A 7 1.18 2.38 -3.27
CA ALA A 7 1.17 1.48 -4.44
C ALA A 7 0.50 2.13 -5.64
N PHE A 8 0.78 1.62 -6.85
CA PHE A 8 0.01 1.97 -8.03
C PHE A 8 -1.42 1.44 -7.91
N PRO A 9 -2.40 2.16 -8.46
CA PRO A 9 -3.76 1.64 -8.55
C PRO A 9 -3.71 0.32 -9.32
N SER A 10 -4.43 -0.69 -8.85
CA SER A 10 -4.23 -2.06 -9.29
C SER A 10 -5.29 -2.50 -10.30
N GLY A 11 -6.24 -1.63 -10.64
CA GLY A 11 -7.38 -2.03 -11.48
C GLY A 11 -7.05 -2.75 -12.79
N LYS A 12 -6.10 -2.20 -13.56
CA LYS A 12 -5.71 -2.76 -14.86
C LYS A 12 -5.14 -4.20 -14.72
N VAL A 13 -4.46 -4.45 -13.61
CA VAL A 13 -3.86 -5.77 -13.36
C VAL A 13 -4.92 -6.75 -12.88
N GLU A 14 -5.86 -6.26 -12.07
CA GLU A 14 -6.92 -7.11 -11.52
C GLU A 14 -7.74 -7.89 -12.55
N GLY A 15 -8.09 -7.23 -13.65
CA GLY A 15 -8.84 -7.85 -14.74
C GLY A 15 -8.06 -8.84 -15.58
N CYS A 16 -6.75 -8.97 -15.33
CA CYS A 16 -5.87 -9.95 -15.97
C CYS A 16 -5.58 -11.22 -15.17
N MET A 17 -6.13 -11.33 -13.96
N MET A 17 -6.18 -11.34 -13.99
CA MET A 17 -5.80 -12.46 -13.10
CA MET A 17 -5.84 -12.44 -13.10
C MET A 17 -6.77 -13.62 -13.28
C MET A 17 -6.79 -13.62 -13.24
N VAL A 18 -6.19 -14.80 -13.41
CA VAL A 18 -6.95 -16.06 -13.53
C VAL A 18 -6.31 -17.13 -12.67
N GLN A 19 -7.09 -18.17 -12.37
CA GLN A 19 -6.65 -19.34 -11.64
C GLN A 19 -6.21 -20.46 -12.61
N VAL A 20 -5.00 -20.97 -12.44
CA VAL A 20 -4.50 -22.06 -13.28
C VAL A 20 -4.26 -23.26 -12.40
N THR A 21 -4.89 -24.37 -12.77
CA THR A 21 -4.71 -25.63 -12.08
C THR A 21 -4.09 -26.66 -13.05
N CYS A 22 -3.23 -27.50 -12.50
CA CYS A 22 -2.67 -28.64 -13.20
C CYS A 22 -2.49 -29.72 -12.14
N GLY A 23 -3.34 -30.73 -12.21
CA GLY A 23 -3.36 -31.81 -11.21
C GLY A 23 -4.00 -31.34 -9.92
N THR A 24 -3.22 -31.39 -8.83
CA THR A 24 -3.65 -30.93 -7.51
C THR A 24 -3.14 -29.51 -7.24
N THR A 25 -2.38 -28.97 -8.18
CA THR A 25 -1.68 -27.70 -7.99
C THR A 25 -2.44 -26.54 -8.57
N THR A 26 -2.73 -25.54 -7.74
CA THR A 26 -3.41 -24.34 -8.19
C THR A 26 -2.56 -23.11 -7.87
N LEU A 27 -2.30 -22.28 -8.87
CA LEU A 27 -1.67 -20.96 -8.66
C LEU A 27 -2.38 -19.91 -9.56
N ASN A 28 -1.80 -18.71 -9.71
CA ASN A 28 -2.43 -17.62 -10.46
C ASN A 28 -1.83 -17.52 -11.83
N GLY A 29 -2.64 -17.14 -12.82
CA GLY A 29 -2.12 -16.81 -14.13
C GLY A 29 -2.38 -15.37 -14.54
N LEU A 30 -1.54 -14.87 -15.44
CA LEU A 30 -1.75 -13.53 -16.03
C LEU A 30 -2.31 -13.66 -17.46
N TRP A 31 -3.57 -13.30 -17.63
CA TRP A 31 -4.30 -13.45 -18.91
C TRP A 31 -4.25 -12.16 -19.69
N LEU A 32 -3.32 -12.12 -20.65
CA LEU A 32 -3.17 -11.02 -21.59
C LEU A 32 -3.46 -11.50 -23.03
N ASP A 33 -4.46 -10.89 -23.68
CA ASP A 33 -4.94 -11.35 -24.98
C ASP A 33 -5.37 -12.81 -24.91
N ASP A 34 -4.88 -13.66 -25.82
CA ASP A 34 -5.24 -15.09 -25.80
C ASP A 34 -4.17 -16.00 -25.16
N VAL A 35 -3.33 -15.42 -24.30
CA VAL A 35 -2.28 -16.16 -23.58
C VAL A 35 -2.42 -15.96 -22.08
N VAL A 36 -2.49 -17.07 -21.33
CA VAL A 36 -2.36 -17.05 -19.86
C VAL A 36 -0.91 -17.41 -19.49
N TYR A 37 -0.23 -16.48 -18.80
CA TYR A 37 1.16 -16.73 -18.37
C TYR A 37 1.21 -17.19 -16.90
N CYS A 38 2.08 -18.14 -16.58
CA CYS A 38 2.19 -18.61 -15.18
C CYS A 38 3.52 -19.33 -14.92
N PRO A 39 3.88 -19.54 -13.64
CA PRO A 39 5.14 -20.24 -13.36
C PRO A 39 5.08 -21.65 -13.86
N ARG A 40 6.15 -22.12 -14.45
CA ARG A 40 6.17 -23.52 -14.96
C ARG A 40 6.04 -24.61 -13.87
N HIS A 41 6.45 -24.31 -12.65
CA HIS A 41 6.40 -25.31 -11.60
C HIS A 41 4.99 -25.79 -11.28
N VAL A 42 3.98 -25.14 -11.86
CA VAL A 42 2.60 -25.60 -11.87
C VAL A 42 2.44 -27.04 -12.39
N ILE A 43 3.32 -27.46 -13.28
CA ILE A 43 3.21 -28.83 -13.84
C ILE A 43 3.96 -29.90 -13.06
N CYS A 44 4.65 -29.51 -11.98
CA CYS A 44 5.29 -30.49 -11.09
C CYS A 44 4.31 -31.11 -10.16
N THR A 45 4.68 -32.28 -9.63
CA THR A 45 3.94 -32.88 -8.55
C THR A 45 4.81 -33.78 -7.70
N SER A 46 4.69 -33.62 -6.39
CA SER A 46 5.32 -34.52 -5.41
C SER A 46 6.84 -34.43 -5.40
N GLU A 47 7.52 -35.46 -5.90
CA GLU A 47 8.96 -35.56 -5.80
C GLU A 47 9.67 -34.80 -6.93
N ASP A 48 8.89 -34.42 -7.94
CA ASP A 48 9.40 -33.57 -9.02
C ASP A 48 10.14 -32.34 -8.50
N MET A 49 9.71 -31.78 -7.36
CA MET A 49 10.26 -30.52 -6.83
C MET A 49 11.78 -30.57 -6.66
N LEU A 50 12.31 -31.77 -6.44
CA LEU A 50 13.73 -32.00 -6.52
C LEU A 50 14.08 -32.51 -7.93
N ASN A 51 14.93 -31.76 -8.63
CA ASN A 51 15.32 -32.07 -10.03
C ASN A 51 14.17 -32.45 -10.98
N PRO A 52 13.23 -31.50 -11.21
CA PRO A 52 12.17 -31.70 -12.19
C PRO A 52 12.71 -31.68 -13.60
N ASN A 53 12.19 -32.56 -14.44
CA ASN A 53 12.52 -32.56 -15.85
C ASN A 53 11.45 -31.80 -16.60
N TYR A 54 11.60 -30.48 -16.62
CA TYR A 54 10.57 -29.57 -17.13
C TYR A 54 10.16 -29.94 -18.54
N GLU A 55 11.15 -30.12 -19.38
CA GLU A 55 10.98 -30.53 -20.77
C GLU A 55 10.15 -31.81 -20.84
N ASP A 56 10.49 -32.76 -19.97
CA ASP A 56 9.84 -34.05 -19.98
C ASP A 56 8.44 -33.96 -19.43
N LEU A 57 8.30 -33.24 -18.31
CA LEU A 57 6.99 -33.00 -17.71
C LEU A 57 6.03 -32.34 -18.69
N LEU A 58 6.53 -31.39 -19.48
CA LEU A 58 5.67 -30.67 -20.41
C LEU A 58 5.17 -31.56 -21.55
N ILE A 59 6.06 -32.43 -22.06
CA ILE A 59 5.67 -33.43 -23.04
C ILE A 59 4.51 -34.30 -22.51
N ARG A 60 4.62 -34.79 -21.28
CA ARG A 60 3.55 -35.60 -20.71
C ARG A 60 2.23 -34.87 -20.49
N LYS A 61 2.20 -33.59 -20.77
CA LYS A 61 1.01 -32.79 -20.50
C LYS A 61 0.23 -32.60 -21.75
N SER A 62 -1.08 -32.71 -21.66
CA SER A 62 -1.92 -32.31 -22.77
C SER A 62 -2.30 -30.85 -22.62
N ASN A 63 -2.76 -30.24 -23.70
CA ASN A 63 -3.44 -28.95 -23.61
C ASN A 63 -4.65 -29.15 -22.74
N HIS A 64 -5.09 -30.38 -22.58
CA HIS A 64 -6.28 -30.69 -21.83
C HIS A 64 -6.00 -30.86 -20.36
N ASN A 65 -4.72 -30.85 -20.00
CA ASN A 65 -4.38 -31.02 -18.60
C ASN A 65 -4.57 -29.74 -17.73
N PHE A 66 -4.46 -28.59 -18.37
CA PHE A 66 -4.49 -27.28 -17.73
C PHE A 66 -5.91 -26.74 -17.63
N LEU A 67 -6.43 -26.67 -16.40
CA LEU A 67 -7.72 -26.02 -16.12
C LEU A 67 -7.54 -24.54 -15.82
N VAL A 68 -8.10 -23.68 -16.67
CA VAL A 68 -7.94 -22.24 -16.54
C VAL A 68 -9.29 -21.59 -16.25
N GLN A 69 -9.38 -20.83 -15.16
CA GLN A 69 -10.66 -20.31 -14.68
C GLN A 69 -10.63 -18.81 -14.43
N ALA A 70 -11.48 -18.09 -15.15
CA ALA A 70 -11.63 -16.65 -15.01
C ALA A 70 -13.03 -16.38 -14.46
N GLY A 71 -13.14 -16.36 -13.14
CA GLY A 71 -14.44 -16.26 -12.50
C GLY A 71 -15.22 -17.55 -12.67
N ASN A 72 -16.50 -17.43 -13.00
CA ASN A 72 -17.31 -18.62 -13.29
C ASN A 72 -16.86 -19.31 -14.57
N VAL A 73 -16.28 -18.53 -15.49
CA VAL A 73 -15.92 -19.04 -16.80
C VAL A 73 -14.76 -20.02 -16.70
N GLN A 74 -14.85 -21.12 -17.43
CA GLN A 74 -13.71 -21.97 -17.70
C GLN A 74 -13.24 -21.58 -19.08
N LEU A 75 -11.94 -21.49 -19.27
CA LEU A 75 -11.38 -21.17 -20.58
C LEU A 75 -10.77 -22.41 -21.21
N ARG A 76 -10.86 -22.49 -22.54
CA ARG A 76 -10.33 -23.65 -23.28
C ARG A 76 -8.91 -23.38 -23.78
N VAL A 77 -7.99 -24.24 -23.34
CA VAL A 77 -6.57 -24.16 -23.69
C VAL A 77 -6.32 -24.90 -25.02
N ILE A 78 -5.85 -24.17 -26.02
CA ILE A 78 -5.63 -24.70 -27.36
C ILE A 78 -4.16 -24.79 -27.66
N GLY A 79 -3.32 -24.44 -26.69
CA GLY A 79 -1.88 -24.48 -26.85
C GLY A 79 -1.23 -24.47 -25.48
N HIS A 80 0.00 -24.96 -25.43
CA HIS A 80 0.85 -24.74 -24.29
C HIS A 80 2.26 -24.57 -24.82
N SER A 81 3.15 -24.13 -23.97
CA SER A 81 4.47 -23.72 -24.40
C SER A 81 5.22 -23.16 -23.19
N MET A 82 6.52 -23.34 -23.17
CA MET A 82 7.38 -22.92 -22.07
C MET A 82 8.32 -21.90 -22.64
N GLN A 83 8.58 -20.85 -21.87
CA GLN A 83 9.70 -19.92 -22.15
C GLN A 83 10.45 -19.77 -20.85
N ASN A 84 11.63 -20.37 -20.77
CA ASN A 84 12.44 -20.37 -19.56
C ASN A 84 11.60 -20.89 -18.40
N CYS A 85 11.41 -20.10 -17.35
CA CYS A 85 10.60 -20.56 -16.22
C CYS A 85 9.12 -20.21 -16.23
N VAL A 86 8.61 -19.71 -17.36
CA VAL A 86 7.19 -19.42 -17.49
C VAL A 86 6.50 -20.37 -18.47
N LEU A 87 5.29 -20.78 -18.13
CA LEU A 87 4.38 -21.44 -19.08
C LEU A 87 3.47 -20.42 -19.73
N LYS A 88 3.12 -20.67 -20.99
CA LYS A 88 2.12 -19.91 -21.73
C LYS A 88 1.02 -20.86 -22.18
N LEU A 89 -0.18 -20.66 -21.66
CA LEU A 89 -1.32 -21.41 -22.08
C LEU A 89 -2.09 -20.59 -23.09
N LYS A 90 -2.03 -20.98 -24.37
CA LYS A 90 -2.83 -20.31 -25.40
C LYS A 90 -4.24 -20.72 -25.17
N VAL A 91 -5.15 -19.74 -25.28
CA VAL A 91 -6.57 -19.99 -25.02
C VAL A 91 -7.37 -19.52 -26.23
N ASP A 92 -8.61 -19.99 -26.34
CA ASP A 92 -9.47 -19.65 -27.49
C ASP A 92 -10.01 -18.21 -27.46
N THR A 93 -10.02 -17.61 -26.26
CA THR A 93 -10.56 -16.27 -26.03
C THR A 93 -9.47 -15.29 -25.64
N ALA A 94 -9.42 -14.15 -26.31
CA ALA A 94 -8.58 -13.04 -25.88
C ALA A 94 -9.25 -12.30 -24.73
N ASN A 95 -8.46 -11.79 -23.80
CA ASN A 95 -8.98 -11.09 -22.63
C ASN A 95 -9.52 -9.74 -23.02
N PRO A 96 -10.84 -9.56 -22.88
CA PRO A 96 -11.41 -8.26 -23.30
C PRO A 96 -11.00 -7.13 -22.34
N LYS A 97 -10.66 -7.47 -21.10
CA LYS A 97 -10.10 -6.50 -20.15
C LYS A 97 -8.61 -6.30 -20.29
N THR A 98 -7.99 -6.83 -21.35
CA THR A 98 -6.55 -6.65 -21.57
C THR A 98 -6.21 -5.17 -21.69
N PRO A 99 -5.30 -4.66 -20.84
CA PRO A 99 -4.87 -3.26 -20.90
C PRO A 99 -3.73 -3.06 -21.87
N LYS A 100 -3.31 -1.80 -22.07
CA LYS A 100 -2.02 -1.53 -22.74
C LYS A 100 -0.96 -2.05 -21.80
N TYR A 101 -0.07 -2.89 -22.30
CA TYR A 101 0.95 -3.45 -21.43
C TYR A 101 2.22 -3.70 -22.17
N LYS A 102 3.31 -3.72 -21.42
CA LYS A 102 4.58 -4.30 -21.88
C LYS A 102 5.26 -5.09 -20.77
N PHE A 103 6.30 -5.83 -21.15
CA PHE A 103 7.10 -6.63 -20.24
C PHE A 103 8.45 -5.97 -20.13
N VAL A 104 8.92 -5.76 -18.92
CA VAL A 104 10.21 -5.10 -18.72
C VAL A 104 11.00 -5.82 -17.66
N ARG A 105 12.30 -5.55 -17.59
CA ARG A 105 13.14 -6.17 -16.60
C ARG A 105 13.72 -5.07 -15.73
N ILE A 106 13.27 -5.01 -14.49
CA ILE A 106 13.77 -3.96 -13.62
C ILE A 106 15.15 -4.27 -13.09
N GLN A 107 15.78 -3.19 -12.66
CA GLN A 107 17.08 -3.18 -12.08
C GLN A 107 17.00 -3.23 -10.57
N PRO A 108 18.05 -3.79 -9.92
CA PRO A 108 18.24 -3.72 -8.47
C PRO A 108 18.03 -2.29 -7.98
N GLY A 109 17.19 -2.12 -6.98
CA GLY A 109 17.01 -0.77 -6.39
C GLY A 109 15.74 -0.07 -6.83
N GLN A 110 15.13 -0.55 -7.91
CA GLN A 110 13.86 0.01 -8.36
C GLN A 110 12.69 -0.67 -7.67
N THR A 111 11.59 0.04 -7.66
CA THR A 111 10.45 -0.34 -6.87
C THR A 111 9.30 -0.61 -7.79
N PHE A 112 8.29 -1.32 -7.28
CA PHE A 112 7.12 -1.70 -8.05
C PHE A 112 6.01 -2.12 -7.08
N SER A 113 4.79 -2.13 -7.57
CA SER A 113 3.66 -2.65 -6.78
C SER A 113 3.41 -4.13 -7.07
N VAL A 114 3.07 -4.85 -6.02
CA VAL A 114 2.70 -6.25 -6.13
C VAL A 114 1.22 -6.36 -5.88
N LEU A 115 0.49 -7.02 -6.78
CA LEU A 115 -0.87 -7.45 -6.50
C LEU A 115 -0.84 -8.91 -6.05
N ALA A 116 -0.91 -9.13 -4.73
CA ALA A 116 -0.92 -10.49 -4.20
C ALA A 116 -2.29 -11.11 -4.47
N CYS A 117 -2.26 -12.32 -5.05
CA CYS A 117 -3.47 -13.04 -5.49
C CYS A 117 -3.45 -14.50 -5.05
N TYR A 118 -4.64 -15.07 -4.86
CA TYR A 118 -4.87 -16.49 -4.53
C TYR A 118 -6.09 -16.96 -5.33
N ASN A 119 -6.01 -18.15 -5.94
CA ASN A 119 -7.13 -18.71 -6.67
C ASN A 119 -7.65 -17.75 -7.74
N GLY A 120 -6.73 -17.11 -8.44
CA GLY A 120 -7.04 -16.09 -9.44
C GLY A 120 -7.76 -14.83 -8.97
N SER A 121 -7.87 -14.62 -7.65
CA SER A 121 -8.52 -13.40 -7.14
CA SER A 121 -8.54 -13.42 -7.10
C SER A 121 -7.54 -12.56 -6.28
N PRO A 122 -7.63 -11.21 -6.41
CA PRO A 122 -6.75 -10.30 -5.66
C PRO A 122 -6.99 -10.29 -4.17
N SER A 123 -5.91 -10.29 -3.42
CA SER A 123 -5.96 -10.15 -1.99
C SER A 123 -5.60 -8.71 -1.58
N GLY A 124 -4.53 -8.18 -2.13
CA GLY A 124 -4.13 -6.81 -1.78
C GLY A 124 -2.94 -6.32 -2.55
N VAL A 125 -2.60 -5.05 -2.37
CA VAL A 125 -1.54 -4.41 -3.11
C VAL A 125 -0.56 -3.67 -2.21
N TYR A 126 0.72 -3.80 -2.52
CA TYR A 126 1.74 -3.15 -1.74
C TYR A 126 2.93 -2.88 -2.60
N GLN A 127 3.72 -1.94 -2.16
CA GLN A 127 4.89 -1.50 -2.87
C GLN A 127 6.11 -2.27 -2.33
N CYS A 128 7.02 -2.68 -3.23
CA CYS A 128 8.37 -3.03 -2.79
C CYS A 128 9.48 -2.83 -3.79
N ALA A 129 10.71 -2.94 -3.27
CA ALA A 129 11.92 -2.73 -4.06
C ALA A 129 12.54 -4.06 -4.45
N MET A 130 13.18 -4.09 -5.61
CA MET A 130 14.08 -5.20 -5.93
C MET A 130 15.33 -4.94 -5.12
N ARG A 131 15.69 -5.87 -4.25
CA ARG A 131 16.84 -5.64 -3.37
C ARG A 131 18.09 -5.81 -4.23
N PRO A 132 19.21 -5.28 -3.81
CA PRO A 132 20.49 -5.51 -4.52
C PRO A 132 20.88 -7.01 -4.64
N ASN A 133 20.39 -7.87 -3.75
CA ASN A 133 20.65 -9.30 -3.87
C ASN A 133 19.58 -10.05 -4.67
N PHE A 134 18.74 -9.29 -5.39
CA PHE A 134 17.72 -9.83 -6.29
C PHE A 134 16.58 -10.57 -5.62
N THR A 135 16.35 -10.28 -4.34
CA THR A 135 15.18 -10.75 -3.62
C THR A 135 14.19 -9.58 -3.39
N ILE A 136 12.95 -9.88 -3.03
CA ILE A 136 12.02 -8.83 -2.58
C ILE A 136 11.50 -9.23 -1.20
N LYS A 137 11.16 -8.22 -0.40
CA LYS A 137 10.66 -8.45 0.96
C LYS A 137 9.17 -8.24 0.87
N GLY A 138 8.48 -9.27 0.46
CA GLY A 138 7.06 -9.21 0.15
C GLY A 138 6.21 -9.84 1.23
N SER A 139 5.00 -10.17 0.87
CA SER A 139 4.04 -10.85 1.73
C SER A 139 3.25 -11.80 0.83
N PHE A 140 3.63 -13.07 0.90
CA PHE A 140 3.14 -14.09 0.02
C PHE A 140 3.00 -15.36 0.86
N LEU A 141 1.89 -16.07 0.62
CA LEU A 141 1.61 -17.37 1.20
C LEU A 141 1.57 -18.43 0.11
N ASN A 142 1.58 -19.70 0.49
CA ASN A 142 1.38 -20.76 -0.50
C ASN A 142 0.12 -20.45 -1.32
N GLY A 143 0.20 -20.64 -2.62
CA GLY A 143 -0.89 -20.31 -3.52
C GLY A 143 -0.70 -18.98 -4.25
N SER A 144 0.27 -18.18 -3.83
CA SER A 144 0.46 -16.83 -4.38
C SER A 144 1.34 -16.78 -5.63
N CYS A 145 1.95 -17.89 -5.98
CA CYS A 145 2.73 -17.92 -7.23
C CYS A 145 1.87 -17.46 -8.40
N GLY A 146 2.50 -16.75 -9.30
CA GLY A 146 1.78 -16.19 -10.42
C GLY A 146 1.26 -14.80 -10.18
N SER A 147 1.27 -14.34 -8.91
CA SER A 147 1.10 -12.90 -8.58
C SER A 147 2.21 -12.10 -9.24
N VAL A 148 1.88 -10.90 -9.72
CA VAL A 148 2.86 -10.09 -10.43
C VAL A 148 3.13 -8.75 -9.81
N GLY A 149 4.28 -8.22 -10.18
CA GLY A 149 4.69 -6.88 -9.85
C GLY A 149 4.66 -6.02 -11.10
N PHE A 150 4.33 -4.74 -10.92
CA PHE A 150 4.15 -3.82 -12.06
C PHE A 150 4.41 -2.37 -11.69
N ASN A 151 4.73 -1.56 -12.71
CA ASN A 151 4.66 -0.09 -12.60
C ASN A 151 3.62 0.35 -13.65
N ILE A 152 3.22 1.61 -13.56
CA ILE A 152 2.35 2.21 -14.58
C ILE A 152 3.00 3.49 -15.05
N ASP A 153 2.99 3.64 -16.37
CA ASP A 153 3.35 4.85 -17.09
C ASP A 153 2.14 5.24 -17.93
N TYR A 154 1.51 6.36 -17.61
CA TYR A 154 0.32 6.84 -18.33
C TYR A 154 -0.87 5.86 -18.20
N ASP A 155 -1.16 5.16 -19.31
CA ASP A 155 -2.15 4.09 -19.39
C ASP A 155 -1.47 2.73 -19.66
N CYS A 156 -0.13 2.71 -19.74
CA CYS A 156 0.59 1.47 -20.04
C CYS A 156 1.14 0.78 -18.77
N VAL A 157 0.70 -0.47 -18.57
CA VAL A 157 1.22 -1.34 -17.49
C VAL A 157 2.54 -1.99 -17.91
N SER A 158 3.60 -1.69 -17.18
CA SER A 158 4.88 -2.40 -17.31
C SER A 158 4.98 -3.52 -16.29
N PHE A 159 4.71 -4.73 -16.74
CA PHE A 159 4.81 -5.92 -15.89
C PHE A 159 6.28 -6.26 -15.70
N CYS A 160 6.75 -6.41 -14.45
CA CYS A 160 8.19 -6.63 -14.22
C CYS A 160 8.57 -7.80 -13.30
N TYR A 161 7.58 -8.47 -12.73
CA TYR A 161 7.85 -9.55 -11.81
C TYR A 161 6.71 -10.55 -11.81
N MET A 162 7.03 -11.83 -11.70
CA MET A 162 6.04 -12.83 -11.40
C MET A 162 6.60 -13.65 -10.23
N HIS A 163 5.78 -13.93 -9.25
CA HIS A 163 6.27 -14.59 -8.04
C HIS A 163 6.34 -16.10 -8.24
N HIS A 164 7.47 -16.70 -7.86
CA HIS A 164 7.72 -18.15 -7.89
C HIS A 164 8.00 -18.81 -6.52
N MET A 165 8.73 -18.17 -5.61
CA MET A 165 9.09 -18.86 -4.37
C MET A 165 9.58 -17.99 -3.23
N GLU A 166 9.65 -18.63 -2.07
CA GLU A 166 10.14 -18.03 -0.87
C GLU A 166 11.42 -18.77 -0.53
N LEU A 167 12.41 -18.03 -0.04
CA LEU A 167 13.65 -18.63 0.40
C LEU A 167 13.56 -18.95 1.90
N PRO A 168 14.51 -19.77 2.41
CA PRO A 168 14.50 -20.15 3.83
C PRO A 168 14.57 -18.97 4.81
N THR A 169 15.14 -17.85 4.39
CA THR A 169 15.22 -16.66 5.22
C THR A 169 13.89 -15.90 5.29
N GLY A 170 12.93 -16.22 4.40
CA GLY A 170 11.59 -15.60 4.43
C GLY A 170 11.40 -14.48 3.40
N VAL A 171 12.43 -14.28 2.58
CA VAL A 171 12.35 -13.29 1.49
C VAL A 171 11.98 -14.05 0.22
N HIS A 172 11.76 -13.32 -0.88
CA HIS A 172 11.02 -13.83 -1.99
C HIS A 172 11.81 -13.70 -3.29
N ALA A 173 11.59 -14.62 -4.20
CA ALA A 173 12.29 -14.63 -5.49
C ALA A 173 11.37 -14.94 -6.62
N GLY A 174 11.67 -14.41 -7.81
CA GLY A 174 10.80 -14.66 -8.96
C GLY A 174 11.44 -14.25 -10.28
N THR A 175 10.61 -14.22 -11.34
CA THR A 175 11.06 -13.97 -12.72
C THR A 175 10.48 -12.71 -13.33
N ASP A 176 11.04 -12.28 -14.46
CA ASP A 176 10.37 -11.34 -15.32
C ASP A 176 9.34 -12.12 -16.10
N LEU A 177 8.58 -11.43 -16.94
CA LEU A 177 7.49 -12.05 -17.66
C LEU A 177 7.96 -12.82 -18.89
N GLU A 178 9.25 -12.75 -19.20
CA GLU A 178 9.86 -13.69 -20.15
C GLU A 178 10.34 -14.96 -19.47
N GLY A 179 10.26 -15.01 -18.14
CA GLY A 179 10.53 -16.24 -17.39
C GLY A 179 11.94 -16.41 -16.90
N ASN A 180 12.75 -15.38 -16.98
CA ASN A 180 14.08 -15.43 -16.39
C ASN A 180 14.10 -14.98 -14.95
N PHE A 181 14.73 -15.76 -14.07
CA PHE A 181 14.83 -15.39 -12.66
C PHE A 181 15.63 -14.13 -12.46
N TYR A 182 15.21 -13.31 -11.51
CA TYR A 182 16.07 -12.27 -10.97
C TYR A 182 17.01 -12.93 -9.97
N GLY A 183 18.31 -12.73 -10.13
CA GLY A 183 19.29 -13.30 -9.23
C GLY A 183 19.65 -14.73 -9.60
N PRO A 184 20.54 -15.35 -8.81
CA PRO A 184 21.01 -16.72 -9.07
C PRO A 184 20.11 -17.77 -8.43
N PHE A 185 18.83 -17.77 -8.79
CA PHE A 185 17.88 -18.72 -8.21
C PHE A 185 17.30 -19.64 -9.29
N VAL A 186 16.89 -20.83 -8.89
CA VAL A 186 16.24 -21.79 -9.78
C VAL A 186 14.92 -22.26 -9.17
N ASP A 187 14.00 -22.70 -10.02
CA ASP A 187 12.67 -23.11 -9.57
C ASP A 187 12.67 -24.60 -9.24
N ARG A 188 13.39 -24.86 -8.16
CA ARG A 188 13.60 -26.19 -7.63
C ARG A 188 13.72 -26.02 -6.12
N GLN A 189 13.18 -26.99 -5.38
CA GLN A 189 13.23 -26.99 -3.92
C GLN A 189 14.60 -27.56 -3.51
N THR A 190 15.58 -26.68 -3.53
CA THR A 190 16.95 -27.04 -3.29
C THR A 190 17.47 -25.90 -2.49
N ALA A 191 18.54 -26.12 -1.72
CA ALA A 191 19.06 -25.09 -0.84
C ALA A 191 19.74 -24.01 -1.65
N GLN A 192 19.20 -22.80 -1.59
CA GLN A 192 19.80 -21.69 -2.31
C GLN A 192 19.70 -20.44 -1.45
N ALA A 193 20.73 -19.61 -1.50
CA ALA A 193 20.87 -18.45 -0.64
C ALA A 193 21.21 -17.20 -1.43
N ALA A 194 20.81 -16.05 -0.89
CA ALA A 194 21.12 -14.77 -1.52
C ALA A 194 22.47 -14.25 -1.06
N GLY A 195 23.05 -13.37 -1.87
CA GLY A 195 24.17 -12.56 -1.42
C GLY A 195 23.71 -11.71 -0.25
N THR A 196 24.67 -11.22 0.53
CA THR A 196 24.35 -10.37 1.66
C THR A 196 23.73 -9.11 1.07
N ASP A 197 22.58 -8.74 1.58
CA ASP A 197 21.89 -7.59 1.05
C ASP A 197 22.53 -6.29 1.49
N THR A 198 22.43 -5.27 0.64
CA THR A 198 22.94 -3.95 0.96
C THR A 198 21.80 -2.94 0.93
N THR A 199 22.05 -1.80 1.53
CA THR A 199 21.10 -0.68 1.61
C THR A 199 21.17 0.18 0.34
N ILE A 200 20.01 0.51 -0.22
CA ILE A 200 19.93 1.27 -1.47
C ILE A 200 20.14 2.77 -1.18
N THR A 201 21.40 3.19 -1.19
CA THR A 201 21.80 4.53 -0.78
C THR A 201 21.07 5.69 -1.47
N VAL A 202 20.86 5.59 -2.77
CA VAL A 202 20.21 6.68 -3.51
C VAL A 202 18.75 6.86 -3.05
N ASN A 203 18.13 5.73 -2.69
CA ASN A 203 16.77 5.69 -2.17
C ASN A 203 16.68 6.33 -0.78
N VAL A 204 17.69 6.11 0.08
CA VAL A 204 17.70 6.76 1.37
C VAL A 204 17.75 8.29 1.22
N LEU A 205 18.59 8.75 0.30
CA LEU A 205 18.69 10.17 0.04
C LEU A 205 17.38 10.72 -0.46
N ALA A 206 16.67 9.95 -1.29
CA ALA A 206 15.41 10.37 -1.87
C ALA A 206 14.42 10.58 -0.74
N TRP A 207 14.48 9.70 0.24
CA TRP A 207 13.56 9.76 1.38
C TRP A 207 13.88 10.90 2.34
N LEU A 208 15.17 11.20 2.55
CA LEU A 208 15.55 12.41 3.22
C LEU A 208 15.05 13.70 2.55
N TYR A 209 15.08 13.75 1.22
CA TYR A 209 14.49 14.91 0.52
C TYR A 209 12.98 14.98 0.77
N ALA A 210 12.31 13.84 0.70
CA ALA A 210 10.88 13.76 0.99
C ALA A 210 10.56 14.27 2.39
N ALA A 211 11.39 13.92 3.35
CA ALA A 211 11.22 14.41 4.72
C ALA A 211 11.33 15.95 4.77
N VAL A 212 12.31 16.53 4.08
CA VAL A 212 12.48 17.98 4.05
C VAL A 212 11.26 18.66 3.38
N ILE A 213 10.85 18.16 2.23
CA ILE A 213 9.58 18.63 1.60
C ILE A 213 8.40 18.61 2.58
N ASN A 214 8.35 17.63 3.47
CA ASN A 214 7.25 17.52 4.42
C ASN A 214 7.58 18.08 5.81
N GLY A 215 8.61 18.91 5.91
CA GLY A 215 8.84 19.63 7.16
C GLY A 215 9.95 19.08 8.05
N ASP A 216 10.19 17.76 7.99
CA ASP A 216 11.22 17.13 8.83
C ASP A 216 12.61 17.56 8.41
N ARG A 217 13.25 18.46 9.15
CA ARG A 217 14.60 18.92 8.78
C ARG A 217 15.61 18.95 9.94
N TRP A 218 15.27 18.32 11.06
CA TRP A 218 16.16 18.30 12.21
C TRP A 218 17.54 17.76 11.86
N PHE A 219 17.57 16.83 10.92
CA PHE A 219 18.81 16.19 10.45
C PHE A 219 19.68 17.03 9.52
N LEU A 220 19.20 18.22 9.14
CA LEU A 220 19.98 19.03 8.23
C LEU A 220 20.99 19.72 9.11
N ASN A 221 22.21 19.80 8.62
CA ASN A 221 23.23 20.52 9.36
C ASN A 221 23.95 21.54 8.48
N ARG A 222 24.86 22.27 9.10
CA ARG A 222 25.71 23.23 8.39
C ARG A 222 26.84 22.59 7.56
N PHE A 223 27.02 21.28 7.65
CA PHE A 223 28.23 20.65 7.12
C PHE A 223 28.03 20.19 5.69
N THR A 224 29.14 19.90 5.02
CA THR A 224 29.11 19.22 3.73
C THR A 224 30.28 18.27 3.67
N THR A 225 30.22 17.37 2.70
CA THR A 225 31.25 16.37 2.50
C THR A 225 31.37 16.17 1.00
N THR A 226 32.21 15.20 0.62
CA THR A 226 32.45 14.85 -0.76
C THR A 226 32.09 13.40 -0.89
N LEU A 227 31.93 12.96 -2.15
CA LEU A 227 31.54 11.60 -2.46
CA LEU A 227 31.54 11.60 -2.46
C LEU A 227 32.45 10.58 -1.77
N ASN A 228 33.74 10.79 -1.88
CA ASN A 228 34.59 9.74 -1.43
C ASN A 228 35.15 9.85 -0.03
N ASP A 229 34.83 10.95 0.66
CA ASP A 229 34.87 10.93 2.13
C ASP A 229 33.55 10.34 2.70
N PHE A 230 32.45 10.55 1.97
CA PHE A 230 31.14 9.93 2.27
C PHE A 230 31.18 8.41 2.06
N ASN A 231 31.70 7.97 0.91
CA ASN A 231 31.82 6.54 0.57
CA ASN A 231 31.79 6.55 0.58
C ASN A 231 32.69 5.78 1.58
N LEU A 232 33.63 6.49 2.21
CA LEU A 232 34.54 5.90 3.22
C LEU A 232 33.75 5.36 4.42
N VAL A 233 32.94 6.21 5.05
CA VAL A 233 32.05 5.78 6.15
C VAL A 233 31.02 4.74 5.65
N ALA A 234 30.64 4.87 4.37
CA ALA A 234 29.49 4.20 3.80
C ALA A 234 29.60 2.69 3.54
N MET A 235 30.42 2.28 2.56
CA MET A 235 30.45 0.88 2.12
C MET A 235 31.06 -0.02 3.18
N LYS A 236 31.89 0.57 4.03
CA LYS A 236 32.15 0.04 5.34
C LYS A 236 30.87 -0.51 5.99
N TYR A 237 29.72 0.13 5.76
CA TYR A 237 28.44 -0.31 6.33
C TYR A 237 27.45 -0.88 5.31
N ASN A 238 27.95 -1.59 4.30
CA ASN A 238 27.14 -2.25 3.27
C ASN A 238 26.01 -1.40 2.70
N TYR A 239 26.36 -0.16 2.36
CA TYR A 239 25.54 0.72 1.54
C TYR A 239 26.02 0.67 0.09
N GLU A 240 25.10 0.76 -0.86
CA GLU A 240 25.43 0.78 -2.27
C GLU A 240 26.25 2.02 -2.61
N PRO A 241 27.09 1.92 -3.65
CA PRO A 241 27.67 3.15 -4.20
C PRO A 241 26.69 3.87 -5.11
N LEU A 242 26.91 5.17 -5.25
CA LEU A 242 26.07 6.09 -6.03
C LEU A 242 26.62 6.29 -7.46
N THR A 243 25.80 5.92 -8.45
CA THR A 243 26.17 6.06 -9.87
C THR A 243 25.88 7.48 -10.36
N GLN A 244 26.22 7.72 -11.63
CA GLN A 244 26.00 8.99 -12.25
C GLN A 244 24.53 9.22 -12.45
N ASP A 245 23.85 8.19 -12.96
CA ASP A 245 22.39 8.22 -13.15
C ASP A 245 21.65 8.53 -11.86
N HIS A 246 22.13 7.94 -10.76
CA HIS A 246 21.51 8.17 -9.46
C HIS A 246 21.39 9.68 -9.14
N VAL A 247 22.50 10.42 -9.22
CA VAL A 247 22.51 11.87 -8.92
C VAL A 247 21.66 12.70 -9.87
N ASP A 248 21.74 12.34 -11.13
CA ASP A 248 20.92 12.99 -12.14
C ASP A 248 19.47 12.77 -11.79
N ILE A 249 19.12 11.56 -11.33
CA ILE A 249 17.76 11.28 -10.89
C ILE A 249 17.39 12.03 -9.58
N LEU A 250 18.38 12.54 -8.82
CA LEU A 250 18.14 13.30 -7.56
C LEU A 250 18.03 14.83 -7.75
N GLY A 251 18.47 15.32 -8.90
CA GLY A 251 18.41 16.75 -9.23
C GLY A 251 17.05 17.40 -9.00
N PRO A 252 15.96 16.74 -9.40
CA PRO A 252 14.64 17.32 -9.18
C PRO A 252 14.31 17.60 -7.71
N LEU A 253 14.83 16.76 -6.80
CA LEU A 253 14.60 16.94 -5.37
C LEU A 253 15.54 17.98 -4.78
N SER A 254 16.77 18.06 -5.29
CA SER A 254 17.64 19.14 -4.84
C SER A 254 17.15 20.47 -5.40
N ALA A 255 16.60 20.44 -6.61
CA ALA A 255 15.96 21.62 -7.21
C ALA A 255 14.78 22.07 -6.37
N GLN A 256 13.90 21.11 -6.07
CA GLN A 256 12.74 21.41 -5.24
C GLN A 256 13.10 22.08 -3.93
N THR A 257 14.12 21.55 -3.23
CA THR A 257 14.38 21.97 -1.82
C THR A 257 15.46 23.02 -1.66
N GLY A 258 16.31 23.19 -2.66
CA GLY A 258 17.48 24.09 -2.54
C GLY A 258 18.73 23.46 -1.91
N ILE A 259 18.73 22.13 -1.76
CA ILE A 259 19.79 21.40 -1.02
C ILE A 259 20.55 20.48 -1.98
N ALA A 260 21.85 20.75 -2.19
CA ALA A 260 22.66 20.04 -3.20
C ALA A 260 22.74 18.50 -2.99
N VAL A 261 22.77 17.72 -4.07
CA VAL A 261 22.86 16.24 -3.97
C VAL A 261 24.03 15.81 -3.09
N LEU A 262 25.17 16.51 -3.18
CA LEU A 262 26.37 16.23 -2.34
C LEU A 262 26.26 16.67 -0.90
N ASP A 263 25.46 17.70 -0.64
CA ASP A 263 25.30 18.24 0.70
C ASP A 263 24.33 17.40 1.57
N MET A 264 23.39 16.72 0.92
CA MET A 264 22.54 15.78 1.63
C MET A 264 23.32 14.49 1.81
N CYS A 265 24.08 14.10 0.78
CA CYS A 265 25.03 12.97 0.86
C CYS A 265 25.88 13.06 2.14
N ALA A 266 26.07 14.27 2.66
CA ALA A 266 26.77 14.52 3.93
C ALA A 266 25.94 14.35 5.20
N SER A 267 24.67 14.77 5.17
CA SER A 267 23.77 14.56 6.33
C SER A 267 23.53 13.07 6.55
N LEU A 268 23.53 12.30 5.47
CA LEU A 268 23.35 10.86 5.57
C LEU A 268 24.60 10.23 6.19
N LYS A 269 25.78 10.60 5.70
CA LYS A 269 27.03 10.15 6.30
C LYS A 269 26.98 10.26 7.81
N GLU A 270 26.48 11.38 8.32
CA GLU A 270 26.46 11.60 9.76
C GLU A 270 25.39 10.81 10.51
N LEU A 271 24.29 10.45 9.84
CA LEU A 271 23.27 9.60 10.48
C LEU A 271 23.76 8.16 10.52
N LEU A 272 24.56 7.79 9.53
CA LEU A 272 25.22 6.48 9.52
C LEU A 272 26.19 6.34 10.69
N GLN A 273 27.10 7.29 10.83
CA GLN A 273 28.08 7.22 11.90
C GLN A 273 27.43 7.21 13.29
N ASN A 274 26.41 8.05 13.49
CA ASN A 274 25.90 8.33 14.85
C ASN A 274 24.48 7.92 15.20
N GLY A 275 23.66 7.62 14.20
CA GLY A 275 22.26 7.22 14.45
C GLY A 275 21.34 8.42 14.60
N MET A 276 20.12 8.17 15.04
CA MET A 276 19.08 9.19 15.05
C MET A 276 18.86 9.80 16.44
N ASN A 277 19.58 9.26 17.43
CA ASN A 277 19.51 9.76 18.80
C ASN A 277 18.06 9.83 19.26
N GLY A 278 17.29 8.80 18.93
CA GLY A 278 15.90 8.72 19.37
C GLY A 278 14.89 9.54 18.58
N ARG A 279 15.37 10.31 17.60
CA ARG A 279 14.49 11.15 16.76
C ARG A 279 13.92 10.31 15.63
N THR A 280 12.83 10.77 15.01
CA THR A 280 12.25 10.05 13.89
C THR A 280 12.21 10.95 12.67
N ILE A 281 12.13 10.30 11.50
CA ILE A 281 11.99 10.92 10.18
C ILE A 281 10.77 10.30 9.49
N LEU A 282 9.81 11.14 9.14
CA LEU A 282 8.60 10.66 8.48
C LEU A 282 8.03 9.41 9.18
N GLY A 283 7.97 9.47 10.50
CA GLY A 283 7.37 8.40 11.31
C GLY A 283 8.17 7.11 11.38
N SER A 284 9.46 7.16 11.02
CA SER A 284 10.33 5.97 11.06
C SER A 284 11.55 6.28 11.93
N ALA A 285 12.00 5.29 12.71
CA ALA A 285 13.22 5.43 13.49
C ALA A 285 14.41 4.70 12.85
N LEU A 286 14.23 4.24 11.60
CA LEU A 286 15.28 3.66 10.78
C LEU A 286 15.35 4.41 9.45
N LEU A 287 16.49 4.27 8.76
CA LEU A 287 16.65 4.88 7.42
C LEU A 287 15.97 4.02 6.41
N GLU A 288 14.97 4.57 5.73
CA GLU A 288 14.15 3.83 4.78
CA GLU A 288 14.12 3.86 4.78
C GLU A 288 14.73 3.89 3.37
N ASP A 289 14.82 2.72 2.71
CA ASP A 289 15.44 2.65 1.35
C ASP A 289 14.55 2.09 0.26
N GLU A 290 13.23 2.07 0.46
CA GLU A 290 12.35 1.56 -0.57
C GLU A 290 11.46 2.62 -1.27
N PHE A 291 11.90 3.87 -1.21
CA PHE A 291 11.42 4.94 -2.09
C PHE A 291 12.49 5.39 -3.08
N THR A 292 12.24 5.27 -4.36
CA THR A 292 13.17 5.83 -5.35
C THR A 292 12.98 7.32 -5.51
N PRO A 293 13.96 7.99 -6.12
CA PRO A 293 13.78 9.41 -6.36
C PRO A 293 12.57 9.68 -7.25
N PHE A 294 12.26 8.78 -8.18
CA PHE A 294 11.04 8.85 -9.00
C PHE A 294 9.78 8.75 -8.14
N ASP A 295 9.77 7.79 -7.23
CA ASP A 295 8.62 7.63 -6.31
C ASP A 295 8.30 8.90 -5.56
N VAL A 296 9.33 9.57 -5.05
CA VAL A 296 9.15 10.80 -4.29
C VAL A 296 8.49 11.90 -5.18
N VAL A 297 9.02 12.06 -6.38
CA VAL A 297 8.48 13.03 -7.31
C VAL A 297 7.02 12.73 -7.65
N ARG A 298 6.73 11.47 -7.96
CA ARG A 298 5.38 11.06 -8.34
CA ARG A 298 5.36 11.07 -8.34
C ARG A 298 4.38 11.40 -7.23
N GLN A 299 4.70 10.95 -6.04
CA GLN A 299 3.84 11.19 -4.90
C GLN A 299 3.76 12.68 -4.54
N CYS A 300 4.89 13.39 -4.54
CA CYS A 300 4.88 14.79 -4.12
C CYS A 300 4.29 15.75 -5.17
N SER A 301 4.15 15.27 -6.41
CA SER A 301 3.60 16.03 -7.55
C SER A 301 2.17 15.68 -7.86
N GLY A 302 1.68 14.55 -7.40
CA GLY A 302 0.31 14.16 -7.70
C GLY A 302 0.13 13.56 -9.08
N VAL A 303 1.11 12.78 -9.53
CA VAL A 303 1.01 12.13 -10.85
C VAL A 303 -0.13 11.13 -10.83
N THR A 304 -0.89 11.10 -11.92
CA THR A 304 -2.01 10.19 -12.11
C THR A 304 -1.89 9.33 -13.38
N PHE A 305 -2.76 8.32 -13.49
CA PHE A 305 -2.57 7.20 -14.43
C PHE A 305 -3.81 6.83 -15.25
N SER B 1 5.23 -16.26 3.87
CA SER B 1 5.49 -15.34 5.03
C SER B 1 5.84 -13.95 4.54
N GLY B 2 6.17 -13.07 5.47
CA GLY B 2 6.34 -11.64 5.22
C GLY B 2 5.10 -10.89 5.68
N PHE B 3 5.26 -9.62 6.02
CA PHE B 3 4.13 -8.81 6.51
C PHE B 3 4.35 -7.37 6.06
N ARG B 4 3.39 -6.86 5.28
CA ARG B 4 3.52 -5.56 4.64
CA ARG B 4 3.55 -5.55 4.65
C ARG B 4 2.31 -4.71 4.92
N LYS B 5 2.48 -3.40 4.92
CA LYS B 5 1.33 -2.52 4.95
C LYS B 5 0.66 -2.69 3.59
N MET B 6 -0.52 -3.28 3.59
CA MET B 6 -1.11 -3.75 2.41
C MET B 6 -2.48 -3.10 2.25
N ALA B 7 -2.76 -2.59 1.07
CA ALA B 7 -4.04 -1.96 0.76
C ALA B 7 -4.96 -2.93 0.03
N PHE B 8 -6.26 -2.67 0.07
CA PHE B 8 -7.21 -3.42 -0.73
C PHE B 8 -6.96 -3.13 -2.20
N PRO B 9 -7.18 -4.13 -3.06
CA PRO B 9 -7.18 -3.87 -4.50
C PRO B 9 -8.14 -2.71 -4.81
N SER B 10 -7.74 -1.79 -5.65
CA SER B 10 -8.51 -0.55 -5.85
C SER B 10 -9.42 -0.48 -7.10
N GLY B 11 -9.39 -1.51 -7.95
CA GLY B 11 -10.10 -1.46 -9.24
C GLY B 11 -11.57 -1.13 -9.16
N LYS B 12 -12.26 -1.66 -8.16
CA LYS B 12 -13.69 -1.41 -8.00
C LYS B 12 -14.00 0.08 -7.69
N VAL B 13 -13.08 0.75 -7.00
CA VAL B 13 -13.21 2.16 -6.68
C VAL B 13 -12.68 3.06 -7.84
N GLU B 14 -11.63 2.60 -8.53
CA GLU B 14 -11.10 3.35 -9.70
C GLU B 14 -12.18 3.64 -10.75
N GLY B 15 -13.02 2.66 -11.04
CA GLY B 15 -14.09 2.87 -12.03
C GLY B 15 -15.24 3.78 -11.58
N CYS B 16 -15.17 4.32 -10.35
CA CYS B 16 -16.15 5.26 -9.84
C CYS B 16 -15.63 6.68 -9.78
N MET B 17 -14.34 6.89 -9.97
CA MET B 17 -13.78 8.25 -9.82
C MET B 17 -14.01 9.14 -11.06
N VAL B 18 -14.53 10.34 -10.81
CA VAL B 18 -14.72 11.37 -11.84
C VAL B 18 -14.19 12.72 -11.38
N GLN B 19 -14.12 13.65 -12.32
CA GLN B 19 -13.71 15.01 -12.03
C GLN B 19 -14.92 15.90 -11.93
N VAL B 20 -14.94 16.77 -10.93
CA VAL B 20 -16.00 17.75 -10.73
C VAL B 20 -15.39 19.14 -10.68
N THR B 21 -15.88 20.01 -11.55
CA THR B 21 -15.44 21.39 -11.60
C THR B 21 -16.63 22.32 -11.38
N CYS B 22 -16.41 23.36 -10.58
CA CYS B 22 -17.35 24.42 -10.35
C CYS B 22 -16.54 25.72 -10.31
N GLY B 23 -16.81 26.60 -11.28
CA GLY B 23 -15.98 27.79 -11.47
C GLY B 23 -14.60 27.35 -11.89
N THR B 24 -13.59 27.75 -11.12
CA THR B 24 -12.21 27.38 -11.40
C THR B 24 -11.68 26.35 -10.40
N THR B 25 -12.59 25.80 -9.60
CA THR B 25 -12.24 24.84 -8.58
C THR B 25 -12.56 23.43 -9.11
N THR B 26 -11.54 22.57 -9.10
CA THR B 26 -11.67 21.18 -9.52
C THR B 26 -11.27 20.26 -8.37
N LEU B 27 -12.02 19.18 -8.23
CA LEU B 27 -11.71 18.12 -7.30
C LEU B 27 -12.31 16.82 -7.82
N ASN B 28 -12.33 15.78 -6.99
CA ASN B 28 -12.82 14.48 -7.36
C ASN B 28 -14.21 14.22 -6.84
N GLY B 29 -14.94 13.40 -7.58
CA GLY B 29 -16.23 12.91 -7.14
C GLY B 29 -16.27 11.40 -7.30
N LEU B 30 -17.23 10.79 -6.63
CA LEU B 30 -17.46 9.39 -6.64
C LEU B 30 -18.81 9.14 -7.33
N TRP B 31 -18.75 8.43 -8.45
CA TRP B 31 -19.91 8.17 -9.30
C TRP B 31 -20.48 6.77 -9.05
N LEU B 32 -21.60 6.71 -8.32
CA LEU B 32 -22.29 5.44 -7.99
C LEU B 32 -23.68 5.54 -8.59
N ASP B 33 -23.97 4.65 -9.54
CA ASP B 33 -25.23 4.68 -10.26
C ASP B 33 -25.39 6.07 -10.89
N ASP B 34 -26.51 6.76 -10.66
CA ASP B 34 -26.73 8.05 -11.31
C ASP B 34 -26.45 9.28 -10.43
N VAL B 35 -25.57 9.12 -9.45
CA VAL B 35 -25.24 10.23 -8.57
C VAL B 35 -23.73 10.33 -8.41
N VAL B 36 -23.27 11.56 -8.38
CA VAL B 36 -21.86 11.87 -8.11
C VAL B 36 -21.81 12.56 -6.76
N TYR B 37 -21.00 12.03 -5.85
CA TYR B 37 -20.88 12.56 -4.49
C TYR B 37 -19.56 13.29 -4.44
N CYS B 38 -19.55 14.52 -3.95
CA CYS B 38 -18.27 15.21 -3.78
C CYS B 38 -18.30 16.19 -2.60
N PRO B 39 -17.13 16.73 -2.23
CA PRO B 39 -17.15 17.69 -1.14
C PRO B 39 -17.85 18.97 -1.55
N ARG B 40 -18.66 19.50 -0.66
CA ARG B 40 -19.42 20.71 -1.00
C ARG B 40 -18.56 21.94 -1.17
N HIS B 41 -17.32 21.93 -0.69
CA HIS B 41 -16.55 23.14 -0.82
C HIS B 41 -16.11 23.42 -2.25
N VAL B 42 -16.39 22.49 -3.17
CA VAL B 42 -16.27 22.75 -4.60
C VAL B 42 -17.02 24.03 -5.02
N ILE B 43 -18.10 24.38 -4.33
CA ILE B 43 -18.89 25.56 -4.70
C ILE B 43 -18.41 26.85 -4.09
N CYS B 44 -17.31 26.82 -3.36
CA CYS B 44 -16.78 28.06 -2.76
C CYS B 44 -15.76 28.75 -3.63
N THR B 45 -15.73 30.07 -3.49
CA THR B 45 -14.60 30.85 -3.94
C THR B 45 -13.85 31.24 -2.66
N SER B 46 -12.73 31.92 -2.82
CA SER B 46 -11.94 32.33 -1.66
C SER B 46 -12.60 33.50 -0.92
N GLU B 47 -13.47 34.26 -1.60
CA GLU B 47 -14.31 35.27 -0.94
C GLU B 47 -15.32 34.63 0.04
N ASP B 48 -15.48 33.30 -0.06
CA ASP B 48 -16.43 32.56 0.77
C ASP B 48 -15.80 31.75 1.90
N MET B 49 -14.53 31.35 1.77
CA MET B 49 -13.95 30.39 2.72
C MET B 49 -13.66 30.92 4.15
N LEU B 50 -13.64 32.24 4.34
CA LEU B 50 -13.64 32.80 5.70
C LEU B 50 -14.80 32.22 6.51
N ASN B 51 -16.02 32.54 6.10
CA ASN B 51 -17.25 32.12 6.79
C ASN B 51 -18.34 31.70 5.77
N PRO B 52 -18.16 30.56 5.10
CA PRO B 52 -19.04 30.20 4.01
C PRO B 52 -20.44 29.87 4.45
N ASN B 53 -21.41 30.40 3.72
CA ASN B 53 -22.79 30.05 3.92
C ASN B 53 -23.16 29.11 2.77
N TYR B 54 -23.01 27.81 3.00
CA TYR B 54 -23.10 26.82 1.94
C TYR B 54 -24.48 26.75 1.30
N GLU B 55 -25.50 26.78 2.13
CA GLU B 55 -26.89 26.83 1.64
C GLU B 55 -27.07 27.98 0.63
N ASP B 56 -26.63 29.16 1.05
CA ASP B 56 -26.71 30.36 0.24
C ASP B 56 -25.86 30.22 -1.02
N LEU B 57 -24.65 29.68 -0.87
CA LEU B 57 -23.82 29.38 -2.04
C LEU B 57 -24.51 28.44 -3.02
N LEU B 58 -25.14 27.42 -2.50
CA LEU B 58 -25.77 26.41 -3.34
C LEU B 58 -27.00 26.98 -4.04
N ILE B 59 -27.73 27.85 -3.36
CA ILE B 59 -28.89 28.53 -3.95
C ILE B 59 -28.49 29.25 -5.24
N ARG B 60 -27.35 29.92 -5.23
CA ARG B 60 -26.91 30.66 -6.41
C ARG B 60 -26.43 29.81 -7.58
N LYS B 61 -26.16 28.52 -7.36
CA LYS B 61 -25.69 27.66 -8.45
C LYS B 61 -26.87 26.98 -9.12
N SER B 62 -26.69 26.71 -10.41
CA SER B 62 -27.58 25.88 -11.21
C SER B 62 -26.86 24.62 -11.70
N ASN B 63 -27.63 23.68 -12.23
CA ASN B 63 -27.04 22.46 -12.79
C ASN B 63 -25.90 22.73 -13.77
N HIS B 64 -26.06 23.75 -14.62
CA HIS B 64 -25.06 24.05 -15.66
C HIS B 64 -23.75 24.62 -15.12
N ASN B 65 -23.71 24.99 -13.85
CA ASN B 65 -22.44 25.41 -13.20
C ASN B 65 -21.51 24.23 -12.82
N PHE B 66 -22.03 23.02 -12.92
CA PHE B 66 -21.25 21.85 -12.50
C PHE B 66 -20.81 21.06 -13.69
N LEU B 67 -19.51 21.04 -13.97
CA LEU B 67 -18.91 20.22 -15.01
C LEU B 67 -18.33 18.91 -14.47
N VAL B 68 -18.92 17.78 -14.86
CA VAL B 68 -18.47 16.47 -14.40
C VAL B 68 -17.92 15.72 -15.59
N GLN B 69 -16.72 15.19 -15.46
CA GLN B 69 -16.11 14.46 -16.55
C GLN B 69 -15.62 13.11 -16.09
N ALA B 70 -16.01 12.10 -16.84
CA ALA B 70 -15.64 10.71 -16.59
C ALA B 70 -14.74 10.30 -17.73
N GLY B 71 -13.43 10.38 -17.48
CA GLY B 71 -12.44 10.31 -18.54
C GLY B 71 -12.68 11.45 -19.52
N ASN B 72 -13.16 11.09 -20.72
CA ASN B 72 -13.44 12.05 -21.78
C ASN B 72 -14.91 12.46 -21.85
N VAL B 73 -15.80 11.57 -21.38
CA VAL B 73 -17.22 11.79 -21.47
C VAL B 73 -17.64 12.83 -20.45
N GLN B 74 -18.34 13.85 -20.92
CA GLN B 74 -18.99 14.77 -20.00
C GLN B 74 -20.30 14.16 -19.53
N LEU B 75 -20.52 14.19 -18.22
CA LEU B 75 -21.75 13.70 -17.63
C LEU B 75 -22.61 14.89 -17.29
N ARG B 76 -23.83 14.95 -17.83
CA ARG B 76 -24.66 16.14 -17.66
C ARG B 76 -25.37 16.09 -16.33
N VAL B 77 -25.31 17.19 -15.58
CA VAL B 77 -25.91 17.28 -14.27
C VAL B 77 -27.38 17.67 -14.39
N ILE B 78 -28.25 16.91 -13.75
CA ILE B 78 -29.68 17.17 -13.89
C ILE B 78 -30.37 17.45 -12.58
N GLY B 79 -29.57 17.52 -11.50
CA GLY B 79 -30.08 17.88 -10.20
C GLY B 79 -28.91 18.04 -9.24
N HIS B 80 -29.10 18.87 -8.23
CA HIS B 80 -28.09 19.02 -7.17
C HIS B 80 -28.71 19.16 -5.80
N SER B 81 -28.10 18.53 -4.80
CA SER B 81 -28.49 18.81 -3.42
C SER B 81 -27.32 18.57 -2.53
N MET B 82 -27.49 18.87 -1.25
CA MET B 82 -26.38 18.82 -0.32
C MET B 82 -26.85 17.96 0.83
N GLN B 83 -25.99 17.05 1.27
CA GLN B 83 -26.28 16.25 2.45
C GLN B 83 -25.12 16.50 3.38
N ASN B 84 -25.32 17.33 4.40
CA ASN B 84 -24.26 17.69 5.36
C ASN B 84 -23.13 18.33 4.55
N CYS B 85 -21.90 17.80 4.66
CA CYS B 85 -20.76 18.36 3.92
C CYS B 85 -20.56 17.78 2.51
N VAL B 86 -21.48 16.95 1.99
CA VAL B 86 -21.34 16.31 0.67
CA VAL B 86 -21.31 16.37 0.66
C VAL B 86 -22.38 16.83 -0.33
N LEU B 87 -21.92 17.18 -1.52
CA LEU B 87 -22.75 17.57 -2.62
C LEU B 87 -23.10 16.29 -3.38
N LYS B 88 -24.38 16.14 -3.67
CA LYS B 88 -24.89 15.05 -4.48
C LYS B 88 -25.38 15.62 -5.78
N LEU B 89 -24.68 15.28 -6.85
CA LEU B 89 -25.04 15.72 -8.18
C LEU B 89 -25.70 14.56 -8.92
N LYS B 90 -26.99 14.70 -9.19
CA LYS B 90 -27.65 13.76 -10.08
C LYS B 90 -27.23 13.97 -11.53
N VAL B 91 -26.90 12.88 -12.21
CA VAL B 91 -26.42 12.91 -13.59
C VAL B 91 -27.33 12.10 -14.50
N ASP B 92 -27.23 12.34 -15.81
CA ASP B 92 -28.11 11.70 -16.80
C ASP B 92 -27.65 10.31 -17.27
N THR B 93 -26.57 9.78 -16.68
CA THR B 93 -26.04 8.45 -17.01
C THR B 93 -25.70 7.72 -15.70
N ALA B 94 -26.26 6.53 -15.48
CA ALA B 94 -25.79 5.67 -14.39
C ALA B 94 -24.48 4.93 -14.73
N ASN B 95 -23.54 4.91 -13.77
CA ASN B 95 -22.24 4.31 -13.95
C ASN B 95 -22.34 2.78 -14.05
N PRO B 96 -21.97 2.20 -15.21
CA PRO B 96 -22.09 0.75 -15.39
C PRO B 96 -21.08 -0.04 -14.52
N LYS B 97 -20.05 0.65 -14.04
CA LYS B 97 -19.02 0.02 -13.25
C LYS B 97 -19.23 0.19 -11.76
N THR B 98 -20.43 0.56 -11.35
CA THR B 98 -20.74 0.68 -9.94
C THR B 98 -20.63 -0.67 -9.23
N PRO B 99 -19.78 -0.76 -8.21
CA PRO B 99 -19.71 -2.03 -7.50
C PRO B 99 -20.87 -2.20 -6.54
N LYS B 100 -21.08 -3.43 -6.05
CA LYS B 100 -21.86 -3.62 -4.87
C LYS B 100 -21.19 -2.79 -3.78
N TYR B 101 -21.93 -1.93 -3.08
CA TYR B 101 -21.35 -1.05 -2.09
C TYR B 101 -22.30 -0.72 -0.92
N LYS B 102 -21.72 -0.22 0.18
CA LYS B 102 -22.50 0.43 1.22
C LYS B 102 -21.69 1.59 1.78
N PHE B 103 -22.39 2.48 2.46
CA PHE B 103 -21.78 3.57 3.22
C PHE B 103 -21.70 3.20 4.70
N VAL B 104 -20.49 3.25 5.25
CA VAL B 104 -20.30 2.94 6.66
C VAL B 104 -19.53 4.04 7.36
N ARG B 105 -19.76 4.17 8.65
CA ARG B 105 -18.97 5.08 9.47
C ARG B 105 -18.01 4.23 10.29
N ILE B 106 -16.71 4.43 10.11
CA ILE B 106 -15.78 3.64 10.90
C ILE B 106 -15.52 4.29 12.24
N GLN B 107 -14.96 3.48 13.13
CA GLN B 107 -14.70 3.89 14.50
CA GLN B 107 -14.69 3.86 14.50
C GLN B 107 -13.20 4.13 14.66
N PRO B 108 -12.83 4.93 15.67
CA PRO B 108 -11.39 5.20 15.84
C PRO B 108 -10.62 3.90 16.07
N GLY B 109 -9.40 3.81 15.51
CA GLY B 109 -8.65 2.60 15.58
C GLY B 109 -8.76 1.69 14.37
N GLN B 110 -9.83 1.83 13.61
CA GLN B 110 -10.05 1.00 12.41
C GLN B 110 -9.28 1.56 11.25
N THR B 111 -8.91 0.66 10.33
CA THR B 111 -8.12 1.03 9.14
C THR B 111 -8.91 0.91 7.83
N PHE B 112 -8.41 1.60 6.80
CA PHE B 112 -9.03 1.55 5.49
C PHE B 112 -8.00 1.93 4.43
N SER B 113 -8.27 1.59 3.18
CA SER B 113 -7.41 1.97 2.08
C SER B 113 -7.88 3.29 1.49
N VAL B 114 -6.96 4.16 1.09
CA VAL B 114 -7.30 5.40 0.45
C VAL B 114 -6.84 5.32 -0.99
N LEU B 115 -7.73 5.67 -1.92
CA LEU B 115 -7.32 5.86 -3.32
C LEU B 115 -7.13 7.33 -3.59
N ALA B 116 -5.88 7.80 -3.55
CA ALA B 116 -5.60 9.23 -3.72
C ALA B 116 -5.76 9.55 -5.20
N CYS B 117 -6.56 10.57 -5.49
CA CYS B 117 -6.89 10.96 -6.88
C CYS B 117 -6.70 12.44 -7.09
N TYR B 118 -6.38 12.81 -8.33
CA TYR B 118 -6.35 14.19 -8.82
C TYR B 118 -7.02 14.21 -10.20
N ASN B 119 -7.88 15.21 -10.42
CA ASN B 119 -8.56 15.41 -11.70
C ASN B 119 -9.38 14.19 -12.13
N GLY B 120 -10.04 13.55 -11.16
CA GLY B 120 -10.78 12.33 -11.40
C GLY B 120 -9.96 11.09 -11.73
N SER B 121 -8.63 11.16 -11.66
CA SER B 121 -7.77 10.02 -12.01
C SER B 121 -6.97 9.53 -10.80
N PRO B 122 -6.72 8.23 -10.70
CA PRO B 122 -6.00 7.70 -9.54
C PRO B 122 -4.49 7.98 -9.53
N SER B 123 -3.95 8.32 -8.38
CA SER B 123 -2.53 8.53 -8.20
C SER B 123 -1.87 7.36 -7.48
N GLY B 124 -2.50 6.89 -6.41
CA GLY B 124 -1.92 5.75 -5.67
C GLY B 124 -2.83 5.26 -4.56
N VAL B 125 -2.47 4.11 -3.98
CA VAL B 125 -3.28 3.50 -2.96
C VAL B 125 -2.42 3.17 -1.76
N TYR B 126 -2.95 3.46 -0.56
CA TYR B 126 -2.24 3.18 0.66
C TYR B 126 -3.20 3.00 1.80
N GLN B 127 -2.73 2.39 2.87
CA GLN B 127 -3.54 2.12 4.03
C GLN B 127 -3.45 3.23 5.10
N CYS B 128 -4.58 3.62 5.72
CA CYS B 128 -4.60 4.62 6.85
C CYS B 128 -5.44 4.10 8.02
N ALA B 129 -5.11 4.50 9.25
CA ALA B 129 -5.96 4.27 10.42
C ALA B 129 -6.71 5.52 10.78
N MET B 130 -7.98 5.39 11.17
CA MET B 130 -8.66 6.52 11.83
C MET B 130 -8.03 6.65 13.21
N ARG B 131 -7.37 7.77 13.45
CA ARG B 131 -6.68 7.98 14.71
C ARG B 131 -7.69 8.18 15.84
N PRO B 132 -7.30 7.91 17.08
CA PRO B 132 -8.23 8.20 18.18
C PRO B 132 -8.73 9.66 18.27
N ASN B 133 -7.99 10.62 17.72
CA ASN B 133 -8.45 12.01 17.69
C ASN B 133 -9.15 12.39 16.39
N PHE B 134 -9.53 11.38 15.62
CA PHE B 134 -10.37 11.51 14.42
C PHE B 134 -9.70 12.23 13.25
N THR B 135 -8.39 12.22 13.22
CA THR B 135 -7.63 12.59 12.02
C THR B 135 -7.07 11.32 11.34
N ILE B 136 -6.56 11.46 10.12
CA ILE B 136 -5.77 10.42 9.52
C ILE B 136 -4.45 10.99 9.07
N LYS B 137 -3.45 10.15 8.98
CA LYS B 137 -2.10 10.54 8.55
C LYS B 137 -1.85 9.99 7.16
N GLY B 138 -2.36 10.75 6.20
CA GLY B 138 -2.33 10.36 4.79
C GLY B 138 -1.28 11.08 3.97
N SER B 139 -1.48 11.06 2.66
CA SER B 139 -0.65 11.74 1.71
C SER B 139 -1.59 12.34 0.67
N PHE B 140 -1.79 13.64 0.79
CA PHE B 140 -2.73 14.38 -0.03
C PHE B 140 -2.18 15.74 -0.36
N LEU B 141 -2.35 16.12 -1.62
CA LEU B 141 -2.03 17.47 -2.10
C LEU B 141 -3.29 18.26 -2.46
N ASN B 142 -3.14 19.54 -2.78
CA ASN B 142 -4.25 20.30 -3.36
C ASN B 142 -4.83 19.61 -4.59
N GLY B 143 -6.15 19.53 -4.60
CA GLY B 143 -6.87 18.80 -5.66
C GLY B 143 -7.25 17.37 -5.31
N SER B 144 -6.74 16.84 -4.19
CA SER B 144 -7.05 15.47 -3.74
C SER B 144 -8.44 15.35 -3.13
N CYS B 145 -9.07 16.49 -2.84
CA CYS B 145 -10.40 16.47 -2.25
C CYS B 145 -11.35 15.57 -2.99
N GLY B 146 -12.17 14.82 -2.23
CA GLY B 146 -13.07 13.84 -2.87
C GLY B 146 -12.48 12.45 -3.03
N SER B 147 -11.15 12.29 -2.88
CA SER B 147 -10.57 10.93 -2.78
C SER B 147 -11.25 10.19 -1.63
N VAL B 148 -11.44 8.89 -1.78
CA VAL B 148 -12.23 8.14 -0.79
C VAL B 148 -11.40 7.04 -0.15
N GLY B 149 -11.79 6.67 1.06
CA GLY B 149 -11.27 5.55 1.75
C GLY B 149 -12.32 4.46 1.82
N PHE B 150 -11.85 3.22 1.86
CA PHE B 150 -12.76 2.10 1.73
C PHE B 150 -12.15 0.82 2.27
N ASN B 151 -13.04 -0.12 2.63
CA ASN B 151 -12.70 -1.53 2.88
C ASN B 151 -13.49 -2.38 1.92
N ILE B 152 -13.07 -3.61 1.66
CA ILE B 152 -13.87 -4.51 0.83
C ILE B 152 -14.18 -5.66 1.75
N ASP B 153 -15.47 -5.92 1.96
CA ASP B 153 -15.96 -6.96 2.89
C ASP B 153 -16.71 -8.01 2.07
N TYR B 154 -16.10 -9.18 1.93
CA TYR B 154 -16.56 -10.23 1.00
C TYR B 154 -16.47 -9.75 -0.45
N ASP B 155 -17.60 -9.32 -1.01
CA ASP B 155 -17.72 -8.86 -2.41
C ASP B 155 -18.11 -7.37 -2.48
N CYS B 156 -18.35 -6.77 -1.32
CA CYS B 156 -19.00 -5.47 -1.20
C CYS B 156 -17.98 -4.39 -0.84
N VAL B 157 -18.01 -3.25 -1.54
CA VAL B 157 -17.13 -2.10 -1.19
C VAL B 157 -17.79 -1.30 -0.10
N SER B 158 -17.14 -1.15 1.05
CA SER B 158 -17.68 -0.32 2.12
C SER B 158 -16.93 1.00 2.05
N PHE B 159 -17.61 2.07 1.61
CA PHE B 159 -16.95 3.37 1.54
C PHE B 159 -17.08 3.97 2.94
N CYS B 160 -15.96 4.39 3.54
CA CYS B 160 -16.00 4.99 4.89
C CYS B 160 -15.44 6.41 5.06
N TYR B 161 -14.80 6.96 4.02
CA TYR B 161 -14.14 8.26 4.15
C TYR B 161 -14.16 8.99 2.84
N MET B 162 -14.35 10.32 2.90
CA MET B 162 -14.07 11.19 1.76
C MET B 162 -13.15 12.31 2.27
N HIS B 163 -12.08 12.59 1.55
CA HIS B 163 -11.14 13.58 2.00
C HIS B 163 -11.62 15.03 1.75
N HIS B 164 -11.48 15.89 2.78
CA HIS B 164 -11.85 17.28 2.65
C HIS B 164 -10.70 18.26 2.88
N MET B 165 -9.82 17.97 3.84
CA MET B 165 -8.87 19.03 4.20
C MET B 165 -7.65 18.56 4.95
N GLU B 166 -6.61 19.41 4.93
CA GLU B 166 -5.47 19.15 5.74
C GLU B 166 -5.54 20.15 6.89
N LEU B 167 -5.15 19.70 8.07
CA LEU B 167 -5.08 20.59 9.25
C LEU B 167 -3.71 21.26 9.28
N PRO B 168 -3.60 22.37 10.04
CA PRO B 168 -2.31 23.08 10.15
C PRO B 168 -1.11 22.18 10.52
N THR B 169 -1.33 21.18 11.38
CA THR B 169 -0.28 20.24 11.79
C THR B 169 0.19 19.28 10.70
N GLY B 170 -0.52 19.23 9.59
CA GLY B 170 -0.13 18.39 8.47
C GLY B 170 -0.89 17.08 8.44
N VAL B 171 -1.79 16.86 9.39
CA VAL B 171 -2.67 15.69 9.33
C VAL B 171 -3.98 16.01 8.62
N HIS B 172 -4.79 14.99 8.37
CA HIS B 172 -5.89 15.09 7.43
C HIS B 172 -7.25 14.78 8.06
N ALA B 173 -8.25 15.44 7.53
CA ALA B 173 -9.63 15.35 8.06
C ALA B 173 -10.63 15.23 6.90
N GLY B 174 -11.76 14.59 7.19
CA GLY B 174 -12.70 14.27 6.18
C GLY B 174 -13.99 13.75 6.82
N THR B 175 -14.88 13.31 5.96
CA THR B 175 -16.24 12.93 6.36
C THR B 175 -16.50 11.47 5.99
N ASP B 176 -17.57 10.92 6.52
CA ASP B 176 -18.16 9.72 5.93
C ASP B 176 -18.91 10.11 4.66
N LEU B 177 -19.52 9.14 3.97
CA LEU B 177 -20.13 9.39 2.68
C LEU B 177 -21.53 10.01 2.78
N GLU B 178 -22.05 10.10 4.00
CA GLU B 178 -23.23 10.92 4.29
C GLU B 178 -22.87 12.35 4.72
N GLY B 179 -21.59 12.73 4.59
CA GLY B 179 -21.18 14.11 4.77
C GLY B 179 -20.90 14.60 6.15
N ASN B 180 -20.93 13.70 7.12
CA ASN B 180 -20.57 14.03 8.50
C ASN B 180 -19.08 13.87 8.79
N PHE B 181 -18.46 14.94 9.27
CA PHE B 181 -17.06 14.89 9.65
C PHE B 181 -16.78 13.87 10.73
N TYR B 182 -15.65 13.18 10.60
CA TYR B 182 -15.07 12.48 11.72
C TYR B 182 -14.45 13.55 12.60
N GLY B 183 -14.81 13.59 13.88
CA GLY B 183 -14.20 14.51 14.82
C GLY B 183 -14.84 15.89 14.83
N PRO B 184 -14.20 16.85 15.52
CA PRO B 184 -14.78 18.15 15.78
C PRO B 184 -14.51 19.19 14.70
N PHE B 185 -14.41 18.77 13.44
CA PHE B 185 -13.94 19.66 12.41
C PHE B 185 -15.10 20.15 11.54
N VAL B 186 -14.85 21.24 10.83
CA VAL B 186 -15.79 21.82 9.87
C VAL B 186 -15.03 22.15 8.57
N ASP B 187 -15.76 22.21 7.46
CA ASP B 187 -15.16 22.46 6.14
C ASP B 187 -15.04 23.96 5.93
N ARG B 188 -14.17 24.57 6.72
CA ARG B 188 -13.90 25.99 6.67
C ARG B 188 -12.42 26.22 6.96
N GLN B 189 -11.86 27.26 6.37
CA GLN B 189 -10.47 27.62 6.62
C GLN B 189 -10.45 28.53 7.85
N THR B 190 -10.60 27.89 9.01
CA THR B 190 -10.53 28.55 10.30
C THR B 190 -9.56 27.74 11.11
N ALA B 191 -9.09 28.32 12.18
CA ALA B 191 -8.10 27.69 13.04
C ALA B 191 -8.76 26.52 13.72
N GLN B 192 -8.27 25.32 13.45
CA GLN B 192 -8.89 24.10 13.97
C GLN B 192 -7.88 23.14 14.53
N ALA B 193 -8.08 22.77 15.79
CA ALA B 193 -7.19 21.85 16.47
C ALA B 193 -7.88 20.54 16.75
N ALA B 194 -7.08 19.48 16.70
CA ALA B 194 -7.54 18.15 17.03
C ALA B 194 -7.28 17.88 18.50
N GLY B 195 -8.03 16.96 19.09
CA GLY B 195 -7.67 16.39 20.38
C GLY B 195 -6.25 15.82 20.37
N THR B 196 -5.72 15.52 21.56
CA THR B 196 -4.41 14.90 21.65
CA THR B 196 -4.41 14.89 21.63
C THR B 196 -4.56 13.45 21.18
N ASP B 197 -3.63 12.97 20.39
CA ASP B 197 -3.76 11.63 19.86
C ASP B 197 -3.25 10.63 20.91
N THR B 198 -3.65 9.36 20.74
CA THR B 198 -3.28 8.27 21.63
C THR B 198 -2.87 7.09 20.77
N THR B 199 -2.09 6.16 21.33
CA THR B 199 -1.67 4.96 20.60
C THR B 199 -2.74 3.86 20.68
N ILE B 200 -2.99 3.20 19.57
CA ILE B 200 -4.10 2.20 19.45
C ILE B 200 -3.54 0.88 19.92
N THR B 201 -3.72 0.64 21.22
CA THR B 201 -3.11 -0.48 21.89
C THR B 201 -3.45 -1.81 21.24
N VAL B 202 -4.73 -2.04 20.97
CA VAL B 202 -5.14 -3.31 20.36
C VAL B 202 -4.44 -3.63 19.04
N ASN B 203 -4.10 -2.60 18.28
CA ASN B 203 -3.42 -2.76 17.02
C ASN B 203 -1.94 -3.09 17.20
N VAL B 204 -1.30 -2.47 18.20
CA VAL B 204 0.07 -2.81 18.52
C VAL B 204 0.18 -4.31 18.89
N LEU B 205 -0.76 -4.81 19.68
CA LEU B 205 -0.83 -6.22 20.01
C LEU B 205 -1.02 -7.07 18.75
N ALA B 206 -1.92 -6.66 17.86
CA ALA B 206 -2.14 -7.34 16.61
C ALA B 206 -0.83 -7.51 15.86
N TRP B 207 -0.10 -6.42 15.76
CA TRP B 207 1.17 -6.38 15.04
C TRP B 207 2.27 -7.21 15.69
N LEU B 208 2.33 -7.27 17.02
CA LEU B 208 3.23 -8.17 17.70
C LEU B 208 2.91 -9.64 17.36
N TYR B 209 1.61 -9.95 17.24
CA TYR B 209 1.22 -11.29 16.82
C TYR B 209 1.66 -11.58 15.40
N ALA B 210 1.45 -10.60 14.50
CA ALA B 210 1.91 -10.70 13.15
C ALA B 210 3.42 -11.01 13.16
N ALA B 211 4.15 -10.33 14.01
CA ALA B 211 5.59 -10.52 14.06
C ALA B 211 5.93 -11.96 14.44
N VAL B 212 5.22 -12.50 15.44
CA VAL B 212 5.45 -13.88 15.90
C VAL B 212 5.13 -14.86 14.79
N ILE B 213 4.01 -14.64 14.10
CA ILE B 213 3.61 -15.48 12.98
C ILE B 213 4.70 -15.50 11.90
N ASN B 214 5.36 -14.36 11.70
CA ASN B 214 6.42 -14.29 10.73
C ASN B 214 7.83 -14.52 11.27
N GLY B 215 7.92 -15.03 12.49
CA GLY B 215 9.20 -15.53 13.06
C GLY B 215 9.97 -14.55 13.93
N ASP B 216 9.46 -13.32 14.13
CA ASP B 216 10.15 -12.36 15.02
C ASP B 216 9.65 -12.60 16.44
N ARG B 217 10.51 -13.17 17.29
CA ARG B 217 10.12 -13.63 18.65
C ARG B 217 10.95 -13.12 19.82
N TRP B 218 11.95 -12.28 19.57
CA TRP B 218 12.86 -11.89 20.66
C TRP B 218 12.19 -11.21 21.84
N PHE B 219 11.09 -10.49 21.57
CA PHE B 219 10.38 -9.69 22.59
C PHE B 219 9.47 -10.56 23.47
N LEU B 220 9.31 -11.82 23.09
CA LEU B 220 8.50 -12.72 23.92
C LEU B 220 9.15 -13.00 25.26
N ASN B 221 8.35 -13.03 26.31
CA ASN B 221 8.82 -13.42 27.63
C ASN B 221 7.87 -14.41 28.31
N ARG B 222 8.36 -15.01 29.38
CA ARG B 222 7.58 -16.00 30.16
C ARG B 222 6.46 -15.38 31.06
N PHE B 223 6.44 -14.06 31.20
CA PHE B 223 5.51 -13.40 32.10
C PHE B 223 4.14 -13.26 31.48
N THR B 224 3.14 -13.18 32.36
CA THR B 224 1.79 -12.84 31.98
CA THR B 224 1.79 -12.83 31.98
C THR B 224 1.31 -11.75 32.95
N THR B 225 0.30 -10.99 32.56
CA THR B 225 -0.16 -9.90 33.42
C THR B 225 -1.66 -9.88 33.51
N THR B 226 -2.22 -8.87 34.14
CA THR B 226 -3.69 -8.72 34.23
CA THR B 226 -3.67 -8.74 34.25
C THR B 226 -4.09 -7.52 33.43
N LEU B 227 -5.34 -7.48 33.00
CA LEU B 227 -5.82 -6.32 32.24
C LEU B 227 -5.63 -5.04 33.05
N ASN B 228 -5.98 -5.04 34.34
CA ASN B 228 -5.73 -3.84 35.18
C ASN B 228 -4.27 -3.41 35.31
N ASP B 229 -3.35 -4.33 35.55
CA ASP B 229 -1.94 -4.01 35.69
CA ASP B 229 -1.95 -3.95 35.70
C ASP B 229 -1.37 -3.51 34.37
N PHE B 230 -1.76 -4.16 33.28
CA PHE B 230 -1.35 -3.71 31.94
C PHE B 230 -1.78 -2.26 31.68
N ASN B 231 -3.06 -1.98 31.87
CA ASN B 231 -3.58 -0.62 31.69
C ASN B 231 -2.97 0.48 32.60
N LEU B 232 -2.60 0.13 33.84
CA LEU B 232 -1.92 1.08 34.71
C LEU B 232 -0.60 1.56 34.09
N VAL B 233 0.11 0.63 33.48
CA VAL B 233 1.36 0.96 32.84
C VAL B 233 1.14 1.72 31.52
N ALA B 234 0.29 1.16 30.70
CA ALA B 234 0.21 1.55 29.31
C ALA B 234 -0.38 2.95 29.19
N MET B 235 -1.29 3.30 30.08
CA MET B 235 -1.89 4.59 30.03
C MET B 235 -0.94 5.73 30.39
N LYS B 236 0.12 5.44 31.14
CA LYS B 236 1.19 6.42 31.37
C LYS B 236 1.90 6.81 30.07
N TYR B 237 1.98 5.87 29.14
CA TYR B 237 2.67 6.05 27.86
C TYR B 237 1.75 6.53 26.71
N ASN B 238 0.58 7.02 27.07
CA ASN B 238 -0.41 7.51 26.12
C ASN B 238 -0.98 6.46 25.17
N TYR B 239 -1.22 5.28 25.74
CA TYR B 239 -1.86 4.17 25.08
C TYR B 239 -3.32 4.11 25.47
N GLU B 240 -4.18 3.76 24.50
CA GLU B 240 -5.59 3.53 24.83
C GLU B 240 -5.75 2.35 25.82
N PRO B 241 -6.72 2.46 26.74
CA PRO B 241 -6.94 1.34 27.64
C PRO B 241 -7.38 0.11 26.84
N LEU B 242 -6.90 -1.05 27.24
CA LEU B 242 -7.33 -2.31 26.64
C LEU B 242 -8.57 -2.82 27.36
N THR B 243 -9.59 -3.20 26.61
CA THR B 243 -10.82 -3.68 27.18
C THR B 243 -11.02 -5.15 26.84
N GLN B 244 -12.00 -5.77 27.49
CA GLN B 244 -12.31 -7.18 27.21
C GLN B 244 -12.74 -7.37 25.77
N ASP B 245 -13.43 -6.39 25.20
CA ASP B 245 -13.82 -6.45 23.80
C ASP B 245 -12.58 -6.61 22.93
N HIS B 246 -11.54 -5.84 23.22
CA HIS B 246 -10.26 -5.94 22.49
C HIS B 246 -9.58 -7.30 22.65
N VAL B 247 -9.60 -7.85 23.86
CA VAL B 247 -9.05 -9.17 24.11
C VAL B 247 -9.79 -10.20 23.27
N ASP B 248 -11.12 -10.06 23.18
CA ASP B 248 -11.90 -10.98 22.35
C ASP B 248 -11.52 -10.91 20.88
N ILE B 249 -11.36 -9.69 20.38
CA ILE B 249 -10.99 -9.49 18.97
C ILE B 249 -9.59 -10.03 18.59
N LEU B 250 -8.69 -10.11 19.58
CA LEU B 250 -7.38 -10.74 19.42
C LEU B 250 -7.39 -12.29 19.46
N GLY B 251 -8.52 -12.88 19.80
CA GLY B 251 -8.66 -14.34 19.94
C GLY B 251 -8.15 -15.16 18.80
N PRO B 252 -8.46 -14.78 17.55
CA PRO B 252 -7.94 -15.54 16.44
C PRO B 252 -6.41 -15.57 16.38
N LEU B 253 -5.78 -14.48 16.79
CA LEU B 253 -4.31 -14.42 16.77
C LEU B 253 -3.69 -15.14 17.97
N SER B 254 -4.33 -15.07 19.13
CA SER B 254 -3.88 -15.84 20.27
CA SER B 254 -3.93 -15.84 20.28
C SER B 254 -4.03 -17.34 19.97
N ALA B 255 -5.12 -17.72 19.31
CA ALA B 255 -5.33 -19.08 18.84
C ALA B 255 -4.29 -19.53 17.84
N GLN B 256 -3.98 -18.68 16.88
CA GLN B 256 -3.01 -19.05 15.87
C GLN B 256 -1.63 -19.34 16.48
N THR B 257 -1.21 -18.49 17.44
CA THR B 257 0.16 -18.54 17.97
C THR B 257 0.26 -19.37 19.25
N GLY B 258 -0.86 -19.56 19.93
CA GLY B 258 -0.84 -20.17 21.25
C GLY B 258 -0.28 -19.28 22.35
N ILE B 259 -0.18 -17.98 22.09
CA ILE B 259 0.24 -17.00 23.08
C ILE B 259 -1.02 -16.27 23.54
N ALA B 260 -1.34 -16.41 24.82
CA ALA B 260 -2.50 -15.75 25.37
C ALA B 260 -2.31 -14.23 25.26
N VAL B 261 -3.42 -13.54 25.12
CA VAL B 261 -3.41 -12.07 25.04
C VAL B 261 -2.70 -11.42 26.22
N LEU B 262 -2.95 -11.91 27.44
CA LEU B 262 -2.35 -11.31 28.64
C LEU B 262 -0.87 -11.69 28.80
N ASP B 263 -0.45 -12.72 28.07
CA ASP B 263 0.96 -13.07 27.93
C ASP B 263 1.64 -12.06 26.99
N MET B 264 1.05 -11.83 25.82
CA MET B 264 1.58 -10.81 24.89
C MET B 264 1.57 -9.43 25.53
N CYS B 265 0.60 -9.14 26.39
CA CYS B 265 0.55 -7.85 27.06
C CYS B 265 1.76 -7.61 27.94
N ALA B 266 2.30 -8.68 28.53
CA ALA B 266 3.52 -8.57 29.33
C ALA B 266 4.74 -8.29 28.47
N SER B 267 4.77 -8.80 27.24
CA SER B 267 5.78 -8.37 26.24
C SER B 267 5.64 -6.89 25.90
N LEU B 268 4.42 -6.44 25.61
CA LEU B 268 4.23 -5.03 25.27
C LEU B 268 4.63 -4.12 26.44
N LYS B 269 4.20 -4.47 27.65
CA LYS B 269 4.61 -3.76 28.86
C LYS B 269 6.13 -3.57 28.95
N GLU B 270 6.90 -4.64 28.72
CA GLU B 270 8.35 -4.59 28.75
C GLU B 270 8.93 -3.72 27.65
N LEU B 271 8.34 -3.79 26.45
CA LEU B 271 8.72 -2.91 25.35
C LEU B 271 8.49 -1.44 25.64
N LEU B 272 7.40 -1.11 26.32
CA LEU B 272 7.13 0.27 26.71
C LEU B 272 8.11 0.73 27.79
N GLN B 273 8.40 -0.15 28.74
CA GLN B 273 9.23 0.24 29.86
C GLN B 273 10.70 0.29 29.52
N ASN B 274 11.16 -0.55 28.60
CA ASN B 274 12.57 -0.58 28.25
C ASN B 274 12.89 -0.15 26.83
N GLY B 275 11.88 0.14 26.03
CA GLY B 275 12.11 0.50 24.64
C GLY B 275 12.42 -0.70 23.78
N MET B 276 12.59 -0.43 22.48
CA MET B 276 12.95 -1.44 21.49
C MET B 276 14.37 -1.90 21.76
N ASN B 277 15.09 -1.10 22.55
CA ASN B 277 16.33 -1.54 23.15
C ASN B 277 17.24 -2.07 22.02
N GLY B 278 17.31 -1.29 20.93
CA GLY B 278 18.22 -1.51 19.79
C GLY B 278 17.88 -2.61 18.81
N ARG B 279 16.67 -3.14 18.90
CA ARG B 279 16.24 -4.22 18.01
C ARG B 279 15.12 -3.75 17.08
N THR B 280 14.81 -4.56 16.08
CA THR B 280 13.68 -4.27 15.20
C THR B 280 12.62 -5.38 15.23
N ILE B 281 11.42 -5.01 14.80
CA ILE B 281 10.27 -5.94 14.67
C ILE B 281 9.59 -5.67 13.33
N LEU B 282 9.49 -6.70 12.50
CA LEU B 282 8.90 -6.58 11.14
C LEU B 282 9.43 -5.35 10.37
N GLY B 283 10.72 -5.07 10.57
CA GLY B 283 11.44 -4.02 9.83
C GLY B 283 11.25 -2.64 10.39
N SER B 284 10.76 -2.53 11.62
CA SER B 284 10.51 -1.24 12.22
C SER B 284 11.24 -1.14 13.55
N ALA B 285 11.72 0.06 13.88
CA ALA B 285 12.31 0.35 15.19
C ALA B 285 11.35 1.08 16.13
N LEU B 286 10.08 1.16 15.76
CA LEU B 286 9.02 1.73 16.63
C LEU B 286 7.86 0.75 16.69
N LEU B 287 7.01 0.90 17.70
CA LEU B 287 5.82 0.08 17.83
C LEU B 287 4.76 0.62 16.88
N GLU B 288 4.29 -0.24 16.00
CA GLU B 288 3.39 0.10 14.92
CA GLU B 288 3.39 0.12 14.92
C GLU B 288 1.93 -0.09 15.37
N ASP B 289 1.08 0.92 15.14
CA ASP B 289 -0.34 0.83 15.58
C ASP B 289 -1.41 1.00 14.49
N GLU B 290 -1.03 0.81 13.24
CA GLU B 290 -1.99 0.93 12.13
C GLU B 290 -2.28 -0.36 11.40
N PHE B 291 -2.11 -1.49 12.08
CA PHE B 291 -2.73 -2.75 11.67
C PHE B 291 -3.77 -3.19 12.71
N THR B 292 -4.97 -3.43 12.28
CA THR B 292 -5.95 -4.03 13.17
C THR B 292 -5.80 -5.56 13.22
N PRO B 293 -6.40 -6.18 14.23
CA PRO B 293 -6.35 -7.63 14.28
C PRO B 293 -6.92 -8.29 12.98
N PHE B 294 -7.98 -7.70 12.44
CA PHE B 294 -8.61 -8.18 11.19
C PHE B 294 -7.66 -8.02 10.02
N ASP B 295 -6.94 -6.91 9.95
CA ASP B 295 -5.85 -6.72 8.96
C ASP B 295 -4.81 -7.85 8.98
N VAL B 296 -4.40 -8.24 10.18
CA VAL B 296 -3.46 -9.33 10.36
C VAL B 296 -4.05 -10.68 9.89
N VAL B 297 -5.27 -11.01 10.31
CA VAL B 297 -5.94 -12.23 9.86
C VAL B 297 -6.06 -12.27 8.35
N ARG B 298 -6.53 -11.17 7.76
CA ARG B 298 -6.69 -11.04 6.30
CA ARG B 298 -6.72 -11.11 6.31
C ARG B 298 -5.43 -11.38 5.54
N GLN B 299 -4.35 -10.73 5.93
CA GLN B 299 -3.07 -10.83 5.27
C GLN B 299 -2.41 -12.19 5.52
N CYS B 300 -2.45 -12.67 6.76
CA CYS B 300 -1.80 -13.95 7.06
C CYS B 300 -2.63 -15.18 6.56
N SER B 301 -3.92 -15.00 6.29
CA SER B 301 -4.77 -16.09 5.80
C SER B 301 -5.00 -16.03 4.29
N GLY B 302 -4.51 -14.98 3.65
CA GLY B 302 -4.67 -14.79 2.20
C GLY B 302 -6.08 -14.64 1.70
N VAL B 303 -6.85 -13.73 2.31
CA VAL B 303 -8.25 -13.49 1.92
C VAL B 303 -8.27 -12.84 0.54
N THR B 304 -9.24 -13.21 -0.31
CA THR B 304 -9.41 -12.57 -1.59
C THR B 304 -10.79 -11.95 -1.83
N PHE B 305 -10.86 -11.18 -2.93
CA PHE B 305 -12.00 -10.35 -3.35
C PHE B 305 -12.27 -10.48 -4.85
N PHE C 1 7.11 -26.06 0.45
CA PHE C 1 5.86 -26.68 0.80
C PHE C 1 5.35 -26.26 2.15
N LEU C 3 8.00 -23.38 -2.88
CA LEU C 3 7.60 -23.00 -4.23
C LEU C 3 6.14 -22.70 -4.27
N PHE D 1 -5.31 26.63 1.21
CA PHE D 1 -4.98 27.09 -0.14
C PHE D 1 -3.58 26.73 -0.53
N LEU D 3 -8.11 23.53 2.34
CA LEU D 3 -9.29 22.82 1.83
C LEU D 3 -8.94 22.24 0.48
#